data_4H9G
#
_entry.id   4H9G
#
_cell.length_a   147.205
_cell.length_b   98.627
_cell.length_c   39.751
_cell.angle_alpha   90.00
_cell.angle_beta   96.06
_cell.angle_gamma   90.00
#
_symmetry.space_group_name_H-M   'C 1 2 1'
#
loop_
_entity.id
_entity.type
_entity.pdbx_description
1 polymer 'Elongation factor Tu-A'
2 non-polymer 'PHOSPHOAMINOPHOSPHONIC ACID-GUANYLATE ESTER'
3 non-polymer 'MAGNESIUM ION'
4 non-polymer 'AMMONIUM ION'
5 non-polymer 'SULFATE ION'
6 non-polymer '5-bromofuran-2-carboxylic acid'
7 water water
#
_entity_poly.entity_id   1
_entity_poly.type   'polypeptide(L)'
_entity_poly.pdbx_seq_one_letter_code
;AKGEFVRTKPHVNVGTIGHVDHGKTTLTAALTYVAAAENPNVEVKDYGDIDKAPEERARGITINTAHVEYETAKRHYSHV
DCPGHADYIKNMITGAAQMDGAILVVSAADGPMPQTREHILLARQVGVPYIVVFMNKVDMVDDPELLDLVEMEVRDLLNQ
YEFPGDEVPVIRGSALLALEQMHRNPKTRRGENEWVDKIWELLDAIDEYIPTPVRDVDKPFLMPVEDVFTITGRGTVATG
RIERGKVKVGDEVEIVGLAPETRKTVVTGVEMHRKTLQEGIAGDNVGVLLRGVSREEVERGQVLAKPGSITPHTKFEASV
YVLKKEEGGRHTGFFSGYRPQFYFRTTDVTGVVQLPPGVEMVMPGDNVTFTVELIKPVALEEGLRFAIREGGRTVGAGVV
TKILE
;
_entity_poly.pdbx_strand_id   A
#
# COMPACT_ATOMS: atom_id res chain seq x y z
N LYS A 2 -1.86 -20.54 -12.41
CA LYS A 2 -1.89 -21.92 -11.93
C LYS A 2 -3.33 -22.40 -11.73
N GLY A 3 -4.14 -22.26 -12.77
CA GLY A 3 -5.49 -22.81 -12.77
C GLY A 3 -6.57 -21.94 -12.13
N GLU A 4 -7.46 -22.58 -11.37
CA GLU A 4 -8.57 -21.90 -10.72
C GLU A 4 -8.24 -21.50 -9.28
N PHE A 5 -8.77 -20.37 -8.82
CA PHE A 5 -8.62 -19.99 -7.41
C PHE A 5 -9.73 -20.59 -6.56
N VAL A 6 -9.34 -21.33 -5.52
CA VAL A 6 -10.29 -21.95 -4.62
C VAL A 6 -10.32 -21.21 -3.28
N ARG A 7 -11.49 -20.69 -2.90
CA ARG A 7 -11.60 -19.97 -1.63
C ARG A 7 -11.87 -20.97 -0.53
N THR A 8 -10.87 -21.21 0.31
CA THR A 8 -11.01 -22.15 1.43
C THR A 8 -10.99 -21.42 2.77
N LYS A 9 -10.46 -20.19 2.78
CA LYS A 9 -10.28 -19.44 4.01
C LYS A 9 -10.41 -17.93 3.77
N PRO A 10 -10.57 -17.15 4.85
CA PRO A 10 -10.64 -15.71 4.63
C PRO A 10 -9.37 -15.13 4.02
N HIS A 11 -9.54 -14.06 3.24
CA HIS A 11 -8.42 -13.42 2.57
C HIS A 11 -8.10 -12.07 3.19
N VAL A 12 -6.81 -11.82 3.45
CA VAL A 12 -6.34 -10.53 4.00
C VAL A 12 -5.14 -10.00 3.21
N ASN A 13 -5.11 -8.69 3.01
CA ASN A 13 -4.00 -8.05 2.33
C ASN A 13 -3.05 -7.44 3.32
N VAL A 14 -1.78 -7.85 3.26
CA VAL A 14 -0.76 -7.27 4.13
C VAL A 14 0.41 -6.78 3.27
N GLY A 15 1.50 -6.37 3.89
CA GLY A 15 2.61 -5.91 3.10
C GLY A 15 3.74 -5.41 3.97
N THR A 16 4.84 -5.00 3.35
CA THR A 16 6.01 -4.56 4.10
C THR A 16 6.35 -3.11 3.80
N ILE A 17 6.56 -2.34 4.87
CA ILE A 17 6.96 -0.95 4.77
C ILE A 17 8.13 -0.76 5.71
N GLY A 18 8.79 0.40 5.63
CA GLY A 18 9.95 0.67 6.47
C GLY A 18 11.08 1.30 5.67
N HIS A 19 12.08 1.82 6.39
CA HIS A 19 13.19 2.58 5.81
C HIS A 19 14.00 1.75 4.81
N VAL A 20 14.68 2.43 3.88
CA VAL A 20 15.43 1.74 2.85
C VAL A 20 16.45 0.77 3.47
N ASP A 21 16.53 -0.43 2.89
CA ASP A 21 17.53 -1.44 3.27
C ASP A 21 17.28 -2.15 4.60
N HIS A 22 16.15 -1.88 5.25
CA HIS A 22 15.94 -2.47 6.57
C HIS A 22 15.57 -3.94 6.49
N GLY A 23 15.15 -4.41 5.31
CA GLY A 23 14.99 -5.84 5.08
C GLY A 23 13.62 -6.29 4.63
N LYS A 24 12.84 -5.38 4.05
CA LYS A 24 11.47 -5.69 3.63
C LYS A 24 11.37 -6.84 2.63
N THR A 25 12.20 -6.78 1.60
CA THR A 25 12.11 -7.79 0.53
C THR A 25 12.63 -9.14 0.99
N THR A 26 13.72 -9.12 1.76
CA THR A 26 14.28 -10.36 2.31
C THR A 26 13.23 -11.03 3.21
N LEU A 27 12.50 -10.22 3.98
CA LEU A 27 11.46 -10.76 4.85
C LEU A 27 10.28 -11.31 4.04
N THR A 28 9.90 -10.60 2.98
CA THR A 28 8.82 -11.07 2.10
C THR A 28 9.17 -12.44 1.54
N ALA A 29 10.40 -12.60 1.07
CA ALA A 29 10.83 -13.88 0.54
C ALA A 29 10.81 -14.96 1.63
N ALA A 30 11.33 -14.62 2.81
CA ALA A 30 11.33 -15.60 3.91
C ALA A 30 9.93 -16.08 4.26
N LEU A 31 8.98 -15.16 4.29
CA LEU A 31 7.57 -15.53 4.57
C LEU A 31 7.07 -16.58 3.59
N THR A 32 7.37 -16.41 2.30
CA THR A 32 6.90 -17.40 1.31
C THR A 32 7.52 -18.76 1.55
N TYR A 33 8.81 -18.79 1.86
CA TYR A 33 9.50 -20.07 2.08
C TYR A 33 9.03 -20.79 3.33
N VAL A 34 8.89 -20.03 4.41
CA VAL A 34 8.50 -20.60 5.70
C VAL A 34 7.08 -21.15 5.64
N ALA A 35 6.18 -20.38 5.03
CA ALA A 35 4.78 -20.81 4.90
C ALA A 35 4.64 -22.00 3.93
N ALA A 36 5.49 -22.05 2.91
CA ALA A 36 5.45 -23.12 1.91
C ALA A 36 5.76 -24.49 2.50
N ALA A 37 6.56 -24.53 3.56
CA ALA A 37 6.87 -25.82 4.19
C ALA A 37 5.62 -26.45 4.81
N GLU A 38 4.75 -25.61 5.39
CA GLU A 38 3.53 -26.07 6.05
C GLU A 38 2.30 -26.12 5.15
N ASN A 39 2.36 -25.43 4.01
CA ASN A 39 1.26 -25.44 3.05
C ASN A 39 1.77 -25.48 1.61
N PRO A 40 1.50 -26.60 0.91
CA PRO A 40 2.01 -26.88 -0.44
C PRO A 40 1.35 -26.05 -1.54
N ASN A 41 0.34 -25.26 -1.17
CA ASN A 41 -0.26 -24.32 -2.12
C ASN A 41 0.59 -23.05 -2.25
N VAL A 42 1.55 -22.87 -1.34
CA VAL A 42 2.45 -21.71 -1.39
C VAL A 42 3.64 -21.97 -2.31
N GLU A 43 3.80 -21.11 -3.30
CA GLU A 43 4.96 -21.14 -4.18
C GLU A 43 6.02 -20.20 -3.61
N VAL A 44 7.26 -20.68 -3.49
CA VAL A 44 8.28 -19.87 -2.83
C VAL A 44 8.74 -18.77 -3.76
N LYS A 45 9.12 -17.64 -3.19
CA LYS A 45 9.63 -16.53 -3.97
C LYS A 45 10.98 -16.14 -3.40
N ASP A 46 12.02 -16.25 -4.23
N ASP A 46 12.04 -16.26 -4.20
CA ASP A 46 13.37 -15.83 -3.85
CA ASP A 46 13.35 -15.83 -3.71
C ASP A 46 13.50 -14.31 -3.88
C ASP A 46 13.52 -14.33 -3.89
N TYR A 47 14.60 -13.81 -3.31
CA TYR A 47 14.88 -12.38 -3.31
C TYR A 47 14.82 -11.80 -4.72
N GLY A 48 15.48 -12.47 -5.67
CA GLY A 48 15.54 -11.99 -7.04
C GLY A 48 14.23 -12.16 -7.82
N ASP A 49 13.33 -12.98 -7.29
CA ASP A 49 12.00 -13.11 -7.91
C ASP A 49 11.14 -11.89 -7.55
N ILE A 50 11.49 -11.22 -6.46
CA ILE A 50 10.75 -10.05 -6.01
C ILE A 50 11.38 -8.76 -6.57
N ASP A 51 12.67 -8.53 -6.29
CA ASP A 51 13.36 -7.41 -6.94
C ASP A 51 13.84 -7.90 -8.30
N LYS A 52 12.90 -8.03 -9.21
CA LYS A 52 13.17 -8.71 -10.49
C LYS A 52 13.41 -7.76 -11.66
N ALA A 53 13.00 -6.50 -11.54
CA ALA A 53 13.06 -5.59 -12.69
C ALA A 53 14.50 -5.17 -12.97
N PRO A 54 14.85 -4.96 -14.27
CA PRO A 54 16.21 -4.56 -14.59
C PRO A 54 16.62 -3.31 -13.83
N GLU A 55 15.71 -2.36 -13.64
CA GLU A 55 16.05 -1.12 -12.95
C GLU A 55 16.27 -1.35 -11.45
N GLU A 56 15.62 -2.38 -10.91
CA GLU A 56 15.85 -2.73 -9.49
C GLU A 56 17.21 -3.38 -9.31
N ARG A 57 17.61 -4.20 -10.28
CA ARG A 57 18.95 -4.79 -10.26
C ARG A 57 20.01 -3.72 -10.44
N ALA A 58 19.72 -2.73 -11.29
CA ALA A 58 20.68 -1.68 -11.60
C ALA A 58 20.91 -0.79 -10.40
N ARG A 59 19.83 -0.39 -9.76
CA ARG A 59 19.93 0.54 -8.65
C ARG A 59 20.11 -0.15 -7.29
N GLY A 60 19.89 -1.47 -7.24
CA GLY A 60 20.08 -2.23 -6.00
C GLY A 60 19.05 -1.99 -4.91
N ILE A 61 17.84 -1.60 -5.31
CA ILE A 61 16.77 -1.32 -4.35
C ILE A 61 15.46 -1.80 -4.95
N THR A 62 14.43 -1.97 -4.11
CA THR A 62 13.10 -2.19 -4.61
C THR A 62 12.65 -0.88 -5.25
N ILE A 63 12.01 -0.95 -6.42
CA ILE A 63 11.41 0.23 -7.02
C ILE A 63 9.91 0.05 -7.15
N ASN A 64 9.51 -1.08 -7.74
CA ASN A 64 8.11 -1.41 -7.93
C ASN A 64 7.56 -2.16 -6.73
N THR A 65 6.29 -1.95 -6.39
CA THR A 65 5.68 -2.84 -5.41
C THR A 65 5.64 -4.23 -6.05
N ALA A 66 5.75 -5.27 -5.24
CA ALA A 66 5.60 -6.63 -5.75
C ALA A 66 4.50 -7.26 -4.95
N HIS A 67 3.68 -8.10 -5.58
CA HIS A 67 2.68 -8.84 -4.82
C HIS A 67 3.08 -10.31 -4.70
N VAL A 68 3.15 -10.84 -3.48
CA VAL A 68 3.37 -12.28 -3.33
C VAL A 68 2.22 -12.89 -2.54
N GLU A 69 2.08 -14.20 -2.65
CA GLU A 69 0.99 -14.90 -2.00
C GLU A 69 1.59 -15.84 -0.99
N TYR A 70 0.95 -15.97 0.17
CA TYR A 70 1.21 -17.11 1.04
C TYR A 70 -0.02 -17.35 1.89
N GLU A 71 -0.01 -18.42 2.65
CA GLU A 71 -1.14 -18.67 3.53
C GLU A 71 -0.71 -19.41 4.79
N THR A 72 -1.51 -19.24 5.83
CA THR A 72 -1.32 -19.99 7.06
C THR A 72 -2.49 -20.93 7.15
N ALA A 73 -2.60 -21.68 8.25
CA ALA A 73 -3.75 -22.55 8.44
C ALA A 73 -5.03 -21.70 8.46
N LYS A 74 -4.94 -20.49 9.02
CA LYS A 74 -6.10 -19.65 9.26
C LYS A 74 -6.56 -18.88 8.01
N ARG A 75 -5.62 -18.23 7.33
CA ARG A 75 -6.00 -17.27 6.30
C ARG A 75 -5.12 -17.33 5.06
N HIS A 76 -5.67 -16.80 3.97
CA HIS A 76 -4.92 -16.61 2.73
C HIS A 76 -4.45 -15.15 2.67
N TYR A 77 -3.18 -14.92 2.31
CA TYR A 77 -2.64 -13.57 2.26
C TYR A 77 -2.13 -13.17 0.89
N SER A 78 -2.43 -11.93 0.48
CA SER A 78 -1.67 -11.28 -0.58
C SER A 78 -0.81 -10.25 0.12
N HIS A 79 0.46 -10.17 -0.25
CA HIS A 79 1.43 -9.35 0.47
C HIS A 79 2.07 -8.41 -0.51
N VAL A 80 1.99 -7.10 -0.23
N VAL A 80 1.97 -7.11 -0.24
CA VAL A 80 2.56 -6.07 -1.11
CA VAL A 80 2.60 -6.14 -1.14
C VAL A 80 3.86 -5.56 -0.51
C VAL A 80 3.86 -5.56 -0.51
N ASP A 81 4.98 -5.83 -1.17
CA ASP A 81 6.29 -5.42 -0.69
C ASP A 81 6.64 -4.05 -1.29
N CYS A 82 6.84 -3.04 -0.46
CA CYS A 82 7.03 -1.64 -0.92
C CYS A 82 8.48 -1.21 -0.89
N PRO A 83 8.84 -0.25 -1.77
CA PRO A 83 10.21 0.30 -1.70
C PRO A 83 10.37 1.19 -0.47
N GLY A 84 11.59 1.25 0.06
CA GLY A 84 11.86 2.12 1.20
C GLY A 84 12.57 3.38 0.78
N HIS A 85 13.17 3.38 -0.40
CA HIS A 85 13.96 4.52 -0.84
C HIS A 85 13.08 5.77 -0.86
N ALA A 86 13.66 6.88 -0.44
CA ALA A 86 12.93 8.15 -0.33
C ALA A 86 12.34 8.67 -1.65
N ASP A 87 12.95 8.42 -2.80
N ASP A 87 12.99 8.30 -2.75
CA ASP A 87 12.30 8.93 -4.00
CA ASP A 87 12.58 8.75 -4.08
C ASP A 87 11.42 7.92 -4.73
C ASP A 87 11.43 7.93 -4.68
N TYR A 88 11.05 6.84 -4.02
CA TYR A 88 9.98 5.97 -4.51
C TYR A 88 8.79 5.90 -3.55
N ILE A 89 8.63 6.96 -2.76
CA ILE A 89 7.49 7.05 -1.84
C ILE A 89 6.15 6.92 -2.56
N LYS A 90 6.06 7.48 -3.77
N LYS A 90 6.02 7.46 -3.76
CA LYS A 90 4.81 7.39 -4.53
CA LYS A 90 4.72 7.38 -4.44
C LYS A 90 4.37 5.95 -4.70
C LYS A 90 4.33 5.92 -4.73
N ASN A 91 5.32 5.08 -5.04
CA ASN A 91 5.03 3.66 -5.23
C ASN A 91 4.65 3.01 -3.91
N MET A 92 5.34 3.39 -2.83
CA MET A 92 5.00 2.85 -1.51
C MET A 92 3.57 3.23 -1.15
N ILE A 93 3.18 4.46 -1.44
CA ILE A 93 1.83 4.90 -1.07
C ILE A 93 0.78 4.00 -1.75
N THR A 94 0.96 3.75 -3.05
N THR A 94 0.91 3.75 -3.04
CA THR A 94 0.03 2.91 -3.82
CA THR A 94 -0.09 2.88 -3.71
C THR A 94 -0.03 1.50 -3.22
C THR A 94 -0.07 1.48 -3.14
N GLY A 95 1.11 1.01 -2.75
CA GLY A 95 1.19 -0.29 -2.09
C GLY A 95 0.40 -0.30 -0.78
N ALA A 96 0.65 0.70 0.06
CA ALA A 96 0.00 0.75 1.37
C ALA A 96 -1.50 0.93 1.20
N ALA A 97 -1.90 1.53 0.08
CA ALA A 97 -3.33 1.75 -0.18
C ALA A 97 -4.07 0.43 -0.38
N GLN A 98 -3.31 -0.67 -0.49
CA GLN A 98 -3.92 -1.98 -0.67
C GLN A 98 -3.92 -2.84 0.60
N MET A 99 -3.32 -2.35 1.68
CA MET A 99 -3.06 -3.20 2.83
C MET A 99 -4.14 -3.15 3.92
N ASP A 100 -4.57 -4.31 4.40
CA ASP A 100 -5.48 -4.38 5.54
C ASP A 100 -4.69 -4.31 6.85
N GLY A 101 -3.37 -4.37 6.71
CA GLY A 101 -2.47 -4.32 7.85
C GLY A 101 -1.07 -4.26 7.25
N ALA A 102 -0.15 -3.55 7.92
CA ALA A 102 1.21 -3.45 7.39
C ALA A 102 2.19 -4.08 8.36
N ILE A 103 3.24 -4.69 7.80
CA ILE A 103 4.36 -5.15 8.62
C ILE A 103 5.43 -4.07 8.50
N LEU A 104 5.72 -3.39 9.62
CA LEU A 104 6.71 -2.32 9.61
C LEU A 104 8.05 -2.96 9.94
N VAL A 105 8.97 -2.96 8.98
CA VAL A 105 10.28 -3.56 9.19
C VAL A 105 11.24 -2.49 9.65
N VAL A 106 11.92 -2.75 10.76
CA VAL A 106 12.90 -1.80 11.32
C VAL A 106 14.18 -2.54 11.65
N SER A 107 15.30 -2.06 11.14
CA SER A 107 16.59 -2.70 11.43
C SER A 107 17.00 -2.46 12.87
N ALA A 108 17.31 -3.55 13.58
CA ALA A 108 17.81 -3.48 14.94
C ALA A 108 19.13 -2.74 15.00
N ALA A 109 19.87 -2.77 13.90
CA ALA A 109 21.21 -2.20 13.88
C ALA A 109 21.16 -0.69 13.64
N ASP A 110 20.07 -0.21 13.06
CA ASP A 110 19.96 1.20 12.73
C ASP A 110 18.91 1.93 13.57
N GLY A 111 17.88 1.21 13.99
CA GLY A 111 16.77 1.85 14.70
C GLY A 111 15.88 2.57 13.70
N PRO A 112 14.83 3.25 14.18
CA PRO A 112 13.96 4.00 13.27
C PRO A 112 14.71 5.11 12.55
N MET A 113 14.35 5.33 11.29
CA MET A 113 15.06 6.27 10.41
C MET A 113 13.99 7.08 9.66
N PRO A 114 14.40 8.10 8.86
CA PRO A 114 13.37 8.99 8.31
C PRO A 114 12.20 8.33 7.56
N GLN A 115 12.45 7.28 6.80
CA GLN A 115 11.32 6.61 6.16
C GLN A 115 10.57 5.64 7.07
N THR A 116 11.11 5.32 8.23
CA THR A 116 10.28 4.61 9.22
C THR A 116 9.15 5.55 9.60
N ARG A 117 9.50 6.78 9.95
CA ARG A 117 8.47 7.78 10.28
C ARG A 117 7.55 8.06 9.09
N GLU A 118 8.13 8.34 7.92
CA GLU A 118 7.33 8.74 6.79
C GLU A 118 6.35 7.64 6.37
N HIS A 119 6.79 6.37 6.42
CA HIS A 119 5.91 5.27 6.00
C HIS A 119 4.75 5.07 6.98
N ILE A 120 5.03 5.24 8.27
CA ILE A 120 3.95 5.12 9.26
C ILE A 120 2.89 6.19 9.00
N LEU A 121 3.33 7.43 8.82
CA LEU A 121 2.43 8.56 8.56
C LEU A 121 1.59 8.33 7.32
N LEU A 122 2.24 7.88 6.25
CA LEU A 122 1.57 7.70 4.97
C LEU A 122 0.63 6.49 5.00
N ALA A 123 1.05 5.40 5.65
CA ALA A 123 0.19 4.22 5.81
C ALA A 123 -1.14 4.66 6.41
N ARG A 124 -1.07 5.50 7.44
N ARG A 124 -1.03 5.49 7.43
CA ARG A 124 -2.27 6.03 8.07
CA ARG A 124 -2.18 6.10 8.11
C ARG A 124 -3.15 6.78 7.07
C ARG A 124 -3.11 6.82 7.13
N GLN A 125 -2.54 7.63 6.25
CA GLN A 125 -3.30 8.46 5.30
C GLN A 125 -3.90 7.71 4.10
N VAL A 126 -3.52 6.45 3.90
CA VAL A 126 -4.22 5.65 2.90
C VAL A 126 -5.00 4.52 3.55
N GLY A 127 -5.25 4.68 4.86
CA GLY A 127 -6.19 3.82 5.55
C GLY A 127 -5.69 2.50 6.13
N VAL A 128 -4.38 2.32 6.27
CA VAL A 128 -3.88 1.09 6.90
C VAL A 128 -4.30 1.07 8.36
N PRO A 129 -5.10 0.09 8.77
CA PRO A 129 -5.73 0.15 10.09
C PRO A 129 -4.92 -0.48 11.23
N TYR A 130 -3.97 -1.36 10.91
CA TYR A 130 -3.19 -2.05 11.93
C TYR A 130 -1.75 -2.23 11.46
N ILE A 131 -0.82 -2.20 12.41
CA ILE A 131 0.59 -2.42 12.11
C ILE A 131 1.18 -3.48 13.04
N VAL A 132 1.92 -4.42 12.46
CA VAL A 132 2.78 -5.32 13.24
CA VAL A 132 2.78 -5.35 13.21
C VAL A 132 4.22 -4.95 12.92
N VAL A 133 5.11 -5.04 13.91
CA VAL A 133 6.50 -4.66 13.72
C VAL A 133 7.42 -5.88 13.63
N PHE A 134 8.31 -5.91 12.66
CA PHE A 134 9.35 -6.92 12.65
C PHE A 134 10.69 -6.20 12.82
N MET A 135 11.32 -6.39 13.97
N MET A 135 11.32 -6.40 13.96
CA MET A 135 12.66 -5.85 14.17
CA MET A 135 12.67 -5.91 14.20
C MET A 135 13.64 -6.82 13.53
C MET A 135 13.63 -6.86 13.51
N ASN A 136 14.27 -6.39 12.45
CA ASN A 136 15.09 -7.26 11.62
C ASN A 136 16.57 -7.13 11.93
N LYS A 137 17.37 -8.04 11.37
CA LYS A 137 18.83 -8.04 11.55
C LYS A 137 19.29 -8.12 13.00
N VAL A 138 18.51 -8.75 13.88
CA VAL A 138 18.99 -8.90 15.26
C VAL A 138 20.25 -9.78 15.30
N ASP A 139 20.50 -10.52 14.22
CA ASP A 139 21.73 -11.33 14.15
C ASP A 139 22.97 -10.44 14.19
N MET A 140 22.79 -9.16 13.87
CA MET A 140 23.90 -8.20 13.81
C MET A 140 24.09 -7.45 15.13
N VAL A 141 23.18 -7.64 16.08
CA VAL A 141 23.20 -6.85 17.30
C VAL A 141 23.28 -7.75 18.52
N ASP A 142 24.40 -7.67 19.24
CA ASP A 142 24.62 -8.48 20.42
C ASP A 142 23.92 -7.88 21.65
N ASP A 143 23.92 -6.55 21.73
CA ASP A 143 23.50 -5.80 22.91
C ASP A 143 21.99 -5.72 23.10
N PRO A 144 21.46 -6.42 24.12
CA PRO A 144 20.04 -6.46 24.45
C PRO A 144 19.49 -5.06 24.75
N GLU A 145 20.33 -4.20 25.30
CA GLU A 145 19.93 -2.84 25.64
C GLU A 145 19.57 -2.05 24.38
N LEU A 146 20.38 -2.19 23.34
CA LEU A 146 20.09 -1.51 22.07
C LEU A 146 18.78 -2.00 21.47
N LEU A 147 18.49 -3.29 21.59
CA LEU A 147 17.27 -3.86 21.04
C LEU A 147 16.06 -3.27 21.76
N ASP A 148 16.14 -3.22 23.08
CA ASP A 148 15.06 -2.66 23.88
C ASP A 148 14.85 -1.19 23.53
N LEU A 149 15.95 -0.46 23.33
CA LEU A 149 15.85 0.94 22.92
C LEU A 149 15.18 1.08 21.56
N VAL A 150 15.57 0.26 20.61
CA VAL A 150 14.95 0.32 19.29
C VAL A 150 13.44 0.06 19.38
N GLU A 151 13.05 -0.94 20.16
CA GLU A 151 11.64 -1.24 20.32
C GLU A 151 10.89 -0.07 20.96
N MET A 152 11.48 0.53 21.99
N MET A 152 11.49 0.53 21.98
CA MET A 152 10.90 1.67 22.68
CA MET A 152 10.86 1.65 22.67
C MET A 152 10.67 2.84 21.73
C MET A 152 10.66 2.84 21.72
N GLU A 153 11.69 3.15 20.94
CA GLU A 153 11.61 4.23 19.96
C GLU A 153 10.55 3.98 18.90
N VAL A 154 10.46 2.73 18.42
CA VAL A 154 9.46 2.40 17.41
C VAL A 154 8.05 2.51 17.99
N ARG A 155 7.85 1.97 19.18
CA ARG A 155 6.54 2.04 19.82
C ARG A 155 6.14 3.50 20.01
N ASP A 156 7.08 4.35 20.42
CA ASP A 156 6.77 5.76 20.62
C ASP A 156 6.46 6.47 19.30
N LEU A 157 7.18 6.08 18.24
CA LEU A 157 6.95 6.65 16.92
C LEU A 157 5.54 6.33 16.43
N LEU A 158 5.11 5.09 16.65
CA LEU A 158 3.76 4.69 16.24
C LEU A 158 2.72 5.50 17.01
N ASN A 159 2.98 5.75 18.30
CA ASN A 159 2.05 6.55 19.11
C ASN A 159 1.86 7.95 18.54
N GLN A 160 2.89 8.49 17.91
CA GLN A 160 2.83 9.85 17.38
C GLN A 160 1.86 9.96 16.21
N TYR A 161 1.55 8.81 15.59
CA TYR A 161 0.65 8.80 14.44
C TYR A 161 -0.63 8.03 14.72
N GLU A 162 -0.95 7.95 16.01
CA GLU A 162 -2.23 7.42 16.48
C GLU A 162 -2.41 5.92 16.30
N PHE A 163 -1.32 5.21 16.04
CA PHE A 163 -1.35 3.76 16.19
C PHE A 163 -1.18 3.42 17.67
N PRO A 164 -1.68 2.25 18.09
CA PRO A 164 -1.49 1.86 19.49
C PRO A 164 -0.09 1.30 19.71
N GLY A 165 0.90 2.18 19.69
CA GLY A 165 2.30 1.78 19.73
C GLY A 165 2.70 0.86 20.87
N ASP A 166 2.04 1.04 22.01
CA ASP A 166 2.38 0.22 23.18
C ASP A 166 1.78 -1.16 23.09
N GLU A 167 0.85 -1.35 22.15
CA GLU A 167 0.16 -2.63 22.03
C GLU A 167 0.61 -3.49 20.84
N VAL A 168 1.22 -2.89 19.81
CA VAL A 168 1.55 -3.67 18.61
C VAL A 168 2.53 -4.78 18.91
N PRO A 169 2.37 -5.94 18.25
CA PRO A 169 3.39 -6.97 18.37
C PRO A 169 4.70 -6.46 17.78
N VAL A 170 5.80 -6.71 18.47
CA VAL A 170 7.11 -6.41 17.93
C VAL A 170 7.87 -7.71 17.91
N ILE A 171 8.04 -8.30 16.73
N ILE A 171 8.06 -8.27 16.73
CA ILE A 171 8.74 -9.58 16.60
CA ILE A 171 8.74 -9.56 16.58
C ILE A 171 10.19 -9.35 16.21
C ILE A 171 10.20 -9.34 16.21
N ARG A 172 11.10 -10.01 16.92
CA ARG A 172 12.53 -9.81 16.71
C ARG A 172 13.14 -11.00 16.00
N GLY A 173 13.84 -10.76 14.89
CA GLY A 173 14.44 -11.89 14.17
C GLY A 173 15.38 -11.49 13.06
N SER A 174 15.66 -12.44 12.18
CA SER A 174 16.53 -12.22 11.03
C SER A 174 15.87 -12.81 9.82
N ALA A 175 15.40 -11.96 8.92
CA ALA A 175 14.81 -12.43 7.67
C ALA A 175 15.82 -13.22 6.86
N LEU A 176 17.07 -12.75 6.86
CA LEU A 176 18.11 -13.39 6.05
C LEU A 176 18.48 -14.78 6.55
N LEU A 177 18.63 -14.94 7.86
CA LEU A 177 19.02 -16.24 8.40
C LEU A 177 17.89 -17.25 8.27
N ALA A 178 16.65 -16.78 8.37
CA ALA A 178 15.51 -17.66 8.13
C ALA A 178 15.49 -18.11 6.68
N LEU A 179 15.66 -17.15 5.77
CA LEU A 179 15.68 -17.43 4.34
C LEU A 179 16.82 -18.40 4.01
N GLU A 180 17.96 -18.23 4.66
CA GLU A 180 19.09 -19.12 4.40
C GLU A 180 18.74 -20.55 4.82
N GLN A 181 18.12 -20.67 5.99
CA GLN A 181 17.77 -21.98 6.51
C GLN A 181 16.77 -22.69 5.59
N MET A 182 15.81 -21.93 5.07
CA MET A 182 14.82 -22.49 4.16
C MET A 182 15.44 -22.89 2.81
N HIS A 183 16.47 -22.19 2.36
CA HIS A 183 17.21 -22.64 1.18
C HIS A 183 17.95 -23.95 1.42
N ARG A 184 18.56 -24.10 2.59
CA ARG A 184 19.28 -25.35 2.90
C ARG A 184 18.32 -26.52 3.17
N ASN A 185 17.17 -26.22 3.79
CA ASN A 185 16.11 -27.22 3.94
C ASN A 185 14.71 -26.61 3.77
N PRO A 186 14.19 -26.66 2.53
CA PRO A 186 12.89 -26.06 2.22
C PRO A 186 11.74 -26.72 2.96
N LYS A 187 12.01 -27.90 3.54
CA LYS A 187 11.00 -28.62 4.31
C LYS A 187 11.10 -28.29 5.79
N THR A 188 11.96 -27.35 6.14
CA THR A 188 12.14 -26.99 7.55
C THR A 188 10.80 -26.62 8.16
N ARG A 189 10.42 -27.33 9.21
CA ARG A 189 9.13 -27.07 9.82
C ARG A 189 9.28 -26.29 11.11
N ARG A 190 8.15 -25.76 11.59
CA ARG A 190 8.12 -24.99 12.83
C ARG A 190 8.68 -25.81 13.98
N GLY A 191 9.49 -25.18 14.83
CA GLY A 191 10.06 -25.85 15.99
C GLY A 191 11.43 -26.45 15.75
N GLU A 192 11.92 -26.39 14.52
CA GLU A 192 13.19 -27.03 14.17
C GLU A 192 14.33 -26.02 14.17
N ASN A 193 14.01 -24.78 13.82
CA ASN A 193 15.03 -23.77 13.67
C ASN A 193 14.68 -22.44 14.31
N GLU A 194 15.65 -21.87 15.03
CA GLU A 194 15.51 -20.61 15.75
C GLU A 194 15.02 -19.44 14.89
N TRP A 195 15.59 -19.28 13.70
CA TRP A 195 15.26 -18.12 12.87
C TRP A 195 13.92 -18.31 12.18
N VAL A 196 13.68 -19.53 11.72
CA VAL A 196 12.41 -19.85 11.07
C VAL A 196 11.26 -19.65 12.05
N ASP A 197 11.47 -20.07 13.30
CA ASP A 197 10.42 -19.90 14.30
C ASP A 197 10.07 -18.43 14.58
N LYS A 198 11.03 -17.52 14.40
CA LYS A 198 10.72 -16.08 14.50
C LYS A 198 9.80 -15.63 13.37
N ILE A 199 9.93 -16.26 12.21
CA ILE A 199 9.04 -15.91 11.11
C ILE A 199 7.66 -16.46 11.43
N TRP A 200 7.61 -17.62 12.10
CA TRP A 200 6.32 -18.15 12.55
C TRP A 200 5.68 -17.25 13.61
N GLU A 201 6.51 -16.65 14.48
CA GLU A 201 5.98 -15.66 15.43
C GLU A 201 5.36 -14.49 14.69
N LEU A 202 5.97 -14.08 13.59
CA LEU A 202 5.40 -13.00 12.79
C LEU A 202 4.08 -13.44 12.14
N LEU A 203 4.06 -14.66 11.59
CA LEU A 203 2.85 -15.15 10.94
C LEU A 203 1.71 -15.29 11.95
N ASP A 204 2.03 -15.79 13.14
CA ASP A 204 1.04 -15.84 14.22
C ASP A 204 0.51 -14.43 14.55
N ALA A 205 1.41 -13.45 14.62
CA ALA A 205 0.98 -12.10 14.96
C ALA A 205 0.10 -11.53 13.83
N ILE A 206 0.48 -11.80 12.59
CA ILE A 206 -0.33 -11.36 11.46
C ILE A 206 -1.71 -12.02 11.55
N ASP A 207 -1.75 -13.34 11.73
CA ASP A 207 -3.01 -14.08 11.85
C ASP A 207 -3.96 -13.45 12.88
N GLU A 208 -3.40 -13.10 14.04
CA GLU A 208 -4.23 -12.85 15.23
C GLU A 208 -4.39 -11.37 15.58
N TYR A 209 -3.44 -10.53 15.15
CA TYR A 209 -3.52 -9.11 15.48
C TYR A 209 -4.15 -8.29 14.37
N ILE A 210 -3.94 -8.69 13.12
CA ILE A 210 -4.56 -8.01 12.00
C ILE A 210 -5.90 -8.68 11.68
N PRO A 211 -7.01 -7.98 11.98
CA PRO A 211 -8.31 -8.63 11.77
C PRO A 211 -8.69 -8.70 10.31
N THR A 212 -9.59 -9.61 9.96
CA THR A 212 -10.15 -9.60 8.61
C THR A 212 -11.14 -8.45 8.57
N PRO A 213 -10.96 -7.52 7.62
CA PRO A 213 -11.82 -6.31 7.57
C PRO A 213 -13.29 -6.62 7.29
N VAL A 214 -14.20 -5.76 7.76
CA VAL A 214 -15.59 -5.85 7.33
C VAL A 214 -15.64 -5.33 5.90
N ARG A 215 -16.07 -6.16 4.95
CA ARG A 215 -16.14 -5.72 3.56
C ARG A 215 -17.57 -5.78 3.04
N ASP A 216 -17.86 -5.01 2.00
CA ASP A 216 -19.23 -5.01 1.49
C ASP A 216 -19.23 -5.36 0.02
N VAL A 217 -19.79 -6.53 -0.27
CA VAL A 217 -19.81 -7.09 -1.61
C VAL A 217 -21.12 -6.75 -2.32
N ASP A 218 -22.01 -6.07 -1.61
CA ASP A 218 -23.33 -5.71 -2.13
C ASP A 218 -23.38 -4.30 -2.75
N LYS A 219 -22.47 -3.43 -2.32
CA LYS A 219 -22.36 -2.09 -2.87
C LYS A 219 -21.78 -2.14 -4.28
N PRO A 220 -21.95 -1.05 -5.07
CA PRO A 220 -21.42 -1.07 -6.44
C PRO A 220 -19.91 -1.38 -6.50
N PHE A 221 -19.52 -2.20 -7.47
CA PHE A 221 -18.13 -2.55 -7.70
C PHE A 221 -17.25 -1.29 -7.74
N LEU A 222 -16.14 -1.35 -7.01
N LEU A 222 -16.15 -1.33 -7.00
CA LEU A 222 -15.17 -0.27 -7.01
CA LEU A 222 -15.15 -0.27 -7.02
C LEU A 222 -13.77 -0.85 -6.79
C LEU A 222 -13.79 -0.91 -6.83
N MET A 223 -12.87 -0.65 -7.76
CA MET A 223 -11.49 -1.11 -7.61
C MET A 223 -10.52 -0.02 -8.01
N PRO A 224 -9.82 0.57 -7.03
CA PRO A 224 -8.75 1.51 -7.38
C PRO A 224 -7.68 0.78 -8.16
N VAL A 225 -7.23 1.37 -9.27
CA VAL A 225 -6.23 0.73 -10.12
C VAL A 225 -4.83 1.02 -9.56
N GLU A 226 -4.05 -0.03 -9.30
CA GLU A 226 -2.71 0.17 -8.73
C GLU A 226 -1.63 0.08 -9.80
N ASP A 227 -1.90 -0.69 -10.85
N ASP A 227 -1.86 -0.70 -10.84
CA ASP A 227 -0.91 -0.87 -11.92
CA ASP A 227 -0.91 -0.75 -11.96
C ASP A 227 -1.63 -1.31 -13.20
C ASP A 227 -1.62 -1.28 -13.19
N VAL A 228 -0.97 -1.16 -14.34
CA VAL A 228 -1.57 -1.54 -15.62
C VAL A 228 -0.46 -2.11 -16.47
N PHE A 229 -0.70 -3.24 -17.14
CA PHE A 229 0.31 -3.75 -18.05
C PHE A 229 -0.33 -4.55 -19.17
N THR A 230 0.47 -4.83 -20.18
CA THR A 230 0.00 -5.58 -21.34
C THR A 230 0.46 -7.01 -21.19
N ILE A 231 -0.47 -7.96 -21.26
CA ILE A 231 -0.08 -9.36 -21.34
C ILE A 231 -0.09 -9.78 -22.79
N THR A 232 1.06 -10.28 -23.26
CA THR A 232 1.21 -10.78 -24.62
C THR A 232 0.15 -11.83 -24.90
N GLY A 233 -0.66 -11.60 -25.93
CA GLY A 233 -1.69 -12.55 -26.32
C GLY A 233 -2.98 -12.57 -25.48
N ARG A 234 -3.12 -11.63 -24.55
CA ARG A 234 -4.36 -11.49 -23.77
C ARG A 234 -4.92 -10.07 -23.88
N GLY A 235 -4.07 -9.08 -23.57
CA GLY A 235 -4.47 -7.69 -23.65
C GLY A 235 -4.05 -6.90 -22.43
N THR A 236 -4.84 -5.87 -22.10
CA THR A 236 -4.50 -4.94 -21.03
C THR A 236 -5.06 -5.36 -19.69
N VAL A 237 -4.20 -5.49 -18.67
CA VAL A 237 -4.63 -5.86 -17.33
C VAL A 237 -4.47 -4.70 -16.36
N ALA A 238 -5.54 -4.40 -15.61
CA ALA A 238 -5.47 -3.41 -14.54
C ALA A 238 -5.50 -4.17 -13.22
N THR A 239 -4.54 -3.91 -12.34
CA THR A 239 -4.47 -4.62 -11.06
C THR A 239 -4.92 -3.70 -9.94
N GLY A 240 -5.35 -4.29 -8.83
CA GLY A 240 -5.76 -3.51 -7.69
C GLY A 240 -6.49 -4.35 -6.67
N ARG A 241 -6.69 -3.76 -5.49
CA ARG A 241 -7.49 -4.42 -4.48
C ARG A 241 -8.94 -3.96 -4.64
N ILE A 242 -9.87 -4.90 -4.75
CA ILE A 242 -11.28 -4.53 -4.90
C ILE A 242 -11.77 -3.91 -3.58
N GLU A 243 -12.27 -2.69 -3.64
CA GLU A 243 -12.67 -1.99 -2.41
C GLU A 243 -14.04 -2.46 -1.94
N ARG A 244 -14.94 -2.66 -2.90
CA ARG A 244 -16.28 -3.12 -2.55
C ARG A 244 -16.95 -3.74 -3.77
N GLY A 245 -18.04 -4.45 -3.51
CA GLY A 245 -18.79 -5.07 -4.60
C GLY A 245 -18.08 -6.27 -5.19
N LYS A 246 -18.49 -6.63 -6.42
CA LYS A 246 -18.00 -7.84 -7.10
C LYS A 246 -17.80 -7.56 -8.57
N VAL A 247 -16.93 -8.33 -9.21
CA VAL A 247 -16.76 -8.22 -10.65
C VAL A 247 -16.66 -9.61 -11.27
N LYS A 248 -17.41 -9.85 -12.35
CA LYS A 248 -17.37 -11.11 -13.08
C LYS A 248 -16.99 -10.87 -14.53
N VAL A 249 -16.35 -11.84 -15.15
CA VAL A 249 -16.06 -11.76 -16.58
C VAL A 249 -17.38 -11.53 -17.31
N GLY A 250 -17.41 -10.55 -18.21
CA GLY A 250 -18.63 -10.21 -18.92
C GLY A 250 -19.28 -8.92 -18.40
N ASP A 251 -18.92 -8.52 -17.19
CA ASP A 251 -19.43 -7.26 -16.63
C ASP A 251 -18.92 -6.06 -17.42
N GLU A 252 -19.79 -5.09 -17.66
CA GLU A 252 -19.32 -3.80 -18.16
C GLU A 252 -18.81 -3.01 -16.94
N VAL A 253 -17.69 -2.30 -17.11
N VAL A 253 -17.80 -2.19 -17.19
CA VAL A 253 -17.20 -1.43 -16.04
CA VAL A 253 -17.13 -1.47 -16.13
C VAL A 253 -16.80 -0.10 -16.64
C VAL A 253 -16.71 -0.09 -16.65
N GLU A 254 -16.72 0.92 -15.80
CA GLU A 254 -16.29 2.25 -16.24
C GLU A 254 -14.93 2.55 -15.66
N ILE A 255 -14.07 3.13 -16.47
CA ILE A 255 -12.75 3.59 -16.04
C ILE A 255 -12.88 5.05 -15.65
N VAL A 256 -12.75 5.35 -14.36
CA VAL A 256 -13.10 6.67 -13.84
C VAL A 256 -11.91 7.47 -13.28
N GLY A 257 -11.80 8.73 -13.70
CA GLY A 257 -10.75 9.60 -13.18
C GLY A 257 -9.62 9.86 -14.15
N LEU A 258 -8.90 10.97 -13.94
CA LEU A 258 -7.67 11.31 -14.67
C LEU A 258 -7.83 11.69 -16.15
N ALA A 259 -8.90 11.21 -16.78
CA ALA A 259 -9.24 11.58 -18.16
C ALA A 259 -10.36 12.63 -18.14
N PRO A 260 -10.51 13.40 -19.23
CA PRO A 260 -11.62 14.36 -19.32
C PRO A 260 -12.95 13.65 -19.11
N GLU A 261 -13.11 12.50 -19.75
CA GLU A 261 -14.32 11.69 -19.55
C GLU A 261 -14.05 10.23 -19.23
N THR A 262 -15.07 9.66 -18.58
CA THR A 262 -15.11 8.25 -18.23
C THR A 262 -15.25 7.43 -19.51
N ARG A 263 -14.70 6.23 -19.52
CA ARG A 263 -14.95 5.33 -20.63
C ARG A 263 -15.34 3.95 -20.13
N LYS A 264 -16.10 3.23 -20.95
CA LYS A 264 -16.62 1.94 -20.54
C LYS A 264 -15.90 0.83 -21.30
N THR A 265 -15.76 -0.30 -20.64
N THR A 265 -15.79 -0.32 -20.67
CA THR A 265 -15.06 -1.46 -21.19
CA THR A 265 -15.42 -1.52 -21.42
C THR A 265 -15.68 -2.73 -20.62
C THR A 265 -15.83 -2.77 -20.66
N VAL A 266 -15.43 -3.87 -21.25
N VAL A 266 -15.63 -3.92 -21.30
CA VAL A 266 -15.93 -5.15 -20.76
CA VAL A 266 -16.03 -5.18 -20.71
C VAL A 266 -14.79 -5.93 -20.11
C VAL A 266 -14.83 -5.91 -20.10
N VAL A 267 -15.06 -6.51 -18.93
CA VAL A 267 -14.05 -7.31 -18.24
C VAL A 267 -14.03 -8.67 -18.94
N THR A 268 -12.84 -9.09 -19.37
CA THR A 268 -12.70 -10.34 -20.10
C THR A 268 -11.82 -11.34 -19.36
N GLY A 269 -11.39 -10.96 -18.16
CA GLY A 269 -10.64 -11.89 -17.33
C GLY A 269 -10.50 -11.36 -15.92
N VAL A 270 -10.53 -12.28 -14.95
CA VAL A 270 -10.28 -11.89 -13.56
C VAL A 270 -9.43 -12.96 -12.90
N GLU A 271 -8.28 -12.55 -12.36
CA GLU A 271 -7.38 -13.52 -11.72
C GLU A 271 -6.85 -12.98 -10.40
N MET A 272 -6.52 -13.90 -9.49
CA MET A 272 -5.79 -13.54 -8.27
C MET A 272 -4.58 -14.45 -8.21
N HIS A 273 -3.40 -13.85 -8.19
CA HIS A 273 -2.14 -14.62 -8.19
C HIS A 273 -2.14 -15.65 -9.30
N ARG A 274 -2.37 -15.17 -10.52
N ARG A 274 -2.33 -15.16 -10.52
CA ARG A 274 -2.36 -15.98 -11.74
CA ARG A 274 -2.36 -15.98 -11.74
C ARG A 274 -3.27 -17.22 -11.70
C ARG A 274 -3.25 -17.23 -11.66
N LYS A 275 -4.31 -17.15 -10.86
CA LYS A 275 -5.32 -18.19 -10.77
C LYS A 275 -6.68 -17.56 -11.14
N THR A 276 -7.43 -18.22 -12.01
N THR A 276 -7.44 -18.24 -11.98
CA THR A 276 -8.68 -17.63 -12.49
CA THR A 276 -8.71 -17.74 -12.47
C THR A 276 -9.74 -17.57 -11.41
C THR A 276 -9.77 -17.59 -11.37
N LEU A 277 -10.40 -16.42 -11.31
CA LEU A 277 -11.49 -16.20 -10.35
C LEU A 277 -12.83 -16.24 -11.06
N GLN A 278 -13.74 -17.10 -10.58
CA GLN A 278 -15.12 -17.07 -11.05
C GLN A 278 -15.70 -15.67 -10.82
N GLU A 279 -15.38 -15.09 -9.67
CA GLU A 279 -15.88 -13.78 -9.32
C GLU A 279 -14.87 -13.08 -8.41
N GLY A 280 -14.47 -11.87 -8.76
CA GLY A 280 -13.65 -11.07 -7.84
C GLY A 280 -14.58 -10.39 -6.83
N ILE A 281 -14.23 -10.41 -5.54
CA ILE A 281 -15.09 -9.79 -4.53
C ILE A 281 -14.28 -8.85 -3.67
N ALA A 282 -14.96 -7.97 -2.93
CA ALA A 282 -14.29 -7.01 -2.06
C ALA A 282 -13.20 -7.67 -1.24
N GLY A 283 -12.02 -7.07 -1.25
CA GLY A 283 -10.86 -7.59 -0.54
C GLY A 283 -9.87 -8.30 -1.44
N ASP A 284 -10.35 -8.90 -2.53
CA ASP A 284 -9.47 -9.65 -3.42
C ASP A 284 -8.44 -8.74 -4.04
N ASN A 285 -7.23 -9.28 -4.22
N ASN A 285 -7.21 -9.24 -4.19
CA ASN A 285 -6.13 -8.61 -4.91
CA ASN A 285 -6.21 -8.48 -4.91
C ASN A 285 -6.06 -9.17 -6.32
C ASN A 285 -6.07 -9.12 -6.28
N VAL A 286 -6.62 -8.46 -7.29
CA VAL A 286 -6.84 -9.07 -8.60
C VAL A 286 -6.16 -8.39 -9.78
N GLY A 287 -6.14 -9.10 -10.90
CA GLY A 287 -5.84 -8.52 -12.20
C GLY A 287 -7.11 -8.62 -13.01
N VAL A 288 -7.53 -7.51 -13.61
CA VAL A 288 -8.74 -7.47 -14.42
C VAL A 288 -8.35 -7.20 -15.86
N LEU A 289 -8.65 -8.13 -16.76
CA LEU A 289 -8.38 -7.94 -18.18
C LEU A 289 -9.48 -7.08 -18.79
N LEU A 290 -9.10 -6.03 -19.52
CA LEU A 290 -10.05 -5.05 -20.01
C LEU A 290 -10.05 -5.03 -21.51
N ARG A 291 -11.20 -5.25 -22.13
CA ARG A 291 -11.23 -5.36 -23.57
C ARG A 291 -11.24 -3.98 -24.24
N GLY A 292 -10.59 -3.89 -25.39
CA GLY A 292 -10.70 -2.70 -26.22
C GLY A 292 -9.99 -1.46 -25.69
N VAL A 293 -9.17 -1.62 -24.65
CA VAL A 293 -8.33 -0.51 -24.19
C VAL A 293 -6.86 -0.94 -24.13
N SER A 294 -5.96 -0.02 -24.44
CA SER A 294 -4.53 -0.31 -24.39
C SER A 294 -3.98 0.18 -23.05
N ARG A 295 -2.68 -0.03 -22.82
CA ARG A 295 -2.11 0.37 -21.53
C ARG A 295 -1.88 1.88 -21.46
N GLU A 296 -2.11 2.55 -22.58
CA GLU A 296 -2.12 4.01 -22.63
C GLU A 296 -3.53 4.60 -22.40
N GLU A 297 -4.52 3.75 -22.18
CA GLU A 297 -5.90 4.20 -21.99
C GLU A 297 -6.44 3.88 -20.60
N VAL A 298 -5.63 3.17 -19.81
N VAL A 298 -5.63 3.21 -19.80
CA VAL A 298 -5.93 2.91 -18.40
CA VAL A 298 -5.97 3.00 -18.39
C VAL A 298 -4.64 3.17 -17.64
C VAL A 298 -4.67 3.11 -17.62
N GLU A 299 -4.74 3.69 -16.42
CA GLU A 299 -3.53 4.00 -15.66
C GLU A 299 -3.75 3.98 -14.16
N ARG A 300 -2.65 3.81 -13.42
N ARG A 300 -2.66 3.83 -13.42
CA ARG A 300 -2.69 3.86 -11.97
CA ARG A 300 -2.69 3.87 -11.96
C ARG A 300 -3.39 5.12 -11.46
C ARG A 300 -3.38 5.12 -11.44
N GLY A 301 -4.29 4.95 -10.50
CA GLY A 301 -4.98 6.08 -9.90
C GLY A 301 -6.38 6.32 -10.44
N GLN A 302 -6.68 5.73 -11.60
CA GLN A 302 -8.08 5.65 -12.02
C GLN A 302 -8.75 4.59 -11.17
N VAL A 303 -10.08 4.54 -11.19
N VAL A 303 -10.07 4.50 -11.28
CA VAL A 303 -10.78 3.43 -10.54
CA VAL A 303 -10.85 3.50 -10.56
C VAL A 303 -11.67 2.73 -11.56
C VAL A 303 -11.75 2.75 -11.54
N LEU A 304 -11.85 1.43 -11.40
CA LEU A 304 -12.84 0.67 -12.17
C LEU A 304 -14.10 0.66 -11.30
N ALA A 305 -15.24 0.93 -11.91
CA ALA A 305 -16.47 1.08 -11.14
C ALA A 305 -17.65 0.56 -11.92
N LYS A 306 -18.70 0.14 -11.22
CA LYS A 306 -19.98 -0.12 -11.85
C LYS A 306 -20.37 1.14 -12.63
N PRO A 307 -20.80 0.98 -13.88
CA PRO A 307 -21.11 2.17 -14.68
C PRO A 307 -22.16 3.07 -14.02
N GLY A 308 -21.88 4.36 -13.97
CA GLY A 308 -22.81 5.33 -13.39
C GLY A 308 -22.76 5.47 -11.88
N SER A 309 -21.93 4.67 -11.21
CA SER A 309 -21.93 4.62 -9.75
C SER A 309 -21.02 5.68 -9.13
N ILE A 310 -20.06 6.16 -9.91
CA ILE A 310 -19.10 7.14 -9.40
C ILE A 310 -19.02 8.38 -10.27
N THR A 311 -19.15 9.54 -9.65
CA THR A 311 -18.86 10.79 -10.33
C THR A 311 -17.55 11.33 -9.75
N PRO A 312 -16.51 11.42 -10.60
CA PRO A 312 -15.21 11.94 -10.17
C PRO A 312 -15.33 13.43 -9.88
N HIS A 313 -14.39 13.99 -9.13
CA HIS A 313 -14.48 15.38 -8.66
C HIS A 313 -13.16 16.11 -8.79
N THR A 314 -13.21 17.44 -8.82
CA THR A 314 -12.01 18.27 -8.95
C THR A 314 -11.78 19.22 -7.79
N LYS A 315 -12.85 19.59 -7.09
CA LYS A 315 -12.73 20.61 -6.07
C LYS A 315 -13.35 20.20 -4.73
N PHE A 316 -12.60 20.40 -3.65
CA PHE A 316 -13.05 19.98 -2.33
C PHE A 316 -12.47 20.85 -1.22
N GLU A 317 -13.16 20.88 -0.08
CA GLU A 317 -12.61 21.47 1.14
C GLU A 317 -11.96 20.37 1.96
N ALA A 318 -10.91 20.72 2.68
CA ALA A 318 -10.17 19.74 3.45
C ALA A 318 -9.67 20.31 4.78
N SER A 319 -9.58 19.44 5.77
CA SER A 319 -8.93 19.78 7.03
C SER A 319 -7.53 19.19 6.93
N VAL A 320 -6.51 20.03 7.07
CA VAL A 320 -5.14 19.61 6.78
C VAL A 320 -4.20 19.91 7.94
N TYR A 321 -3.37 18.93 8.30
CA TYR A 321 -2.27 19.20 9.22
C TYR A 321 -1.00 19.33 8.39
N VAL A 322 -0.30 20.44 8.57
CA VAL A 322 0.96 20.65 7.83
C VAL A 322 2.12 20.24 8.73
N LEU A 323 2.91 19.28 8.26
CA LEU A 323 4.02 18.73 9.05
C LEU A 323 5.05 19.77 9.49
N LYS A 324 5.53 19.65 10.73
CA LYS A 324 6.67 20.44 11.16
C LYS A 324 7.93 19.91 10.48
N LYS A 325 8.99 20.71 10.47
CA LYS A 325 10.24 20.27 9.83
C LYS A 325 10.84 19.09 10.58
N GLU A 326 10.56 19.01 11.89
CA GLU A 326 11.05 17.91 12.71
C GLU A 326 10.40 16.58 12.29
N GLU A 327 9.31 16.65 11.53
CA GLU A 327 8.65 15.44 11.03
C GLU A 327 8.99 15.18 9.57
N GLY A 328 9.99 15.89 9.06
CA GLY A 328 10.41 15.76 7.67
C GLY A 328 9.57 16.63 6.74
N GLY A 329 8.87 17.60 7.30
CA GLY A 329 8.01 18.47 6.51
C GLY A 329 8.76 19.69 6.01
N ARG A 330 8.00 20.73 5.65
CA ARG A 330 8.59 21.96 5.13
C ARG A 330 9.25 22.76 6.25
N HIS A 331 10.19 23.61 5.86
CA HIS A 331 10.86 24.49 6.79
C HIS A 331 10.04 25.78 6.87
N THR A 332 9.45 26.16 5.74
CA THR A 332 8.70 27.40 5.65
C THR A 332 7.24 27.18 5.24
N GLY A 333 6.44 28.23 5.38
CA GLY A 333 5.02 28.14 5.09
C GLY A 333 4.70 28.30 3.61
N PHE A 334 3.41 28.20 3.27
CA PHE A 334 2.99 28.35 1.88
C PHE A 334 1.77 29.26 1.75
N PHE A 335 1.51 29.72 0.54
CA PHE A 335 0.43 30.67 0.28
C PHE A 335 -0.60 30.07 -0.67
N SER A 336 -1.71 30.79 -0.87
N SER A 336 -1.70 30.80 -0.88
CA SER A 336 -2.69 30.38 -1.87
CA SER A 336 -2.69 30.41 -1.87
C SER A 336 -1.98 30.30 -3.21
C SER A 336 -2.00 30.32 -3.23
N GLY A 337 -2.27 29.25 -3.97
CA GLY A 337 -1.58 29.02 -5.23
C GLY A 337 -0.48 27.98 -5.08
N TYR A 338 -0.13 27.63 -3.84
CA TYR A 338 0.77 26.49 -3.57
C TYR A 338 0.23 25.30 -4.36
N ARG A 339 1.12 24.56 -5.00
N ARG A 339 1.13 24.55 -4.97
CA ARG A 339 0.70 23.57 -6.00
CA ARG A 339 0.70 23.58 -5.96
C ARG A 339 1.37 22.21 -5.81
C ARG A 339 1.38 22.22 -5.80
N PRO A 340 1.01 21.50 -4.72
N PRO A 340 1.04 21.50 -4.72
CA PRO A 340 1.70 20.24 -4.42
CA PRO A 340 1.70 20.24 -4.41
C PRO A 340 0.99 19.06 -5.05
C PRO A 340 0.99 19.05 -5.07
N GLN A 341 1.45 17.84 -4.75
CA GLN A 341 0.81 16.62 -5.20
C GLN A 341 -0.07 16.09 -4.08
N PHE A 342 -1.23 15.55 -4.45
CA PHE A 342 -2.18 14.97 -3.50
C PHE A 342 -2.32 13.47 -3.77
N TYR A 343 -2.33 12.67 -2.69
CA TYR A 343 -2.36 11.21 -2.80
C TYR A 343 -3.61 10.67 -2.13
N PHE A 344 -4.51 10.11 -2.93
CA PHE A 344 -5.75 9.49 -2.41
C PHE A 344 -5.70 8.03 -2.85
N ARG A 345 -5.69 7.08 -1.91
CA ARG A 345 -5.52 5.67 -2.27
C ARG A 345 -4.37 5.48 -3.27
N THR A 346 -4.67 5.02 -4.49
CA THR A 346 -3.62 4.79 -5.49
C THR A 346 -3.46 5.97 -6.44
N THR A 347 -4.22 7.04 -6.19
CA THR A 347 -4.22 8.19 -7.09
C THR A 347 -3.18 9.22 -6.65
N ASP A 348 -2.44 9.75 -7.60
CA ASP A 348 -1.53 10.87 -7.34
CA ASP A 348 -1.54 10.88 -7.35
C ASP A 348 -1.83 11.98 -8.36
N VAL A 349 -2.16 13.17 -7.87
CA VAL A 349 -2.59 14.24 -8.77
C VAL A 349 -2.22 15.62 -8.22
N THR A 350 -1.79 16.50 -9.11
CA THR A 350 -1.45 17.87 -8.74
C THR A 350 -2.71 18.66 -8.42
N GLY A 351 -2.64 19.50 -7.39
CA GLY A 351 -3.79 20.32 -7.04
C GLY A 351 -3.33 21.69 -6.61
N VAL A 352 -4.26 22.63 -6.64
CA VAL A 352 -3.96 24.01 -6.30
C VAL A 352 -4.61 24.36 -4.97
N VAL A 353 -3.82 24.88 -4.04
CA VAL A 353 -4.36 25.31 -2.75
C VAL A 353 -4.93 26.72 -2.84
N GLN A 354 -6.19 26.88 -2.46
N GLN A 354 -6.14 26.88 -2.36
CA GLN A 354 -6.79 28.20 -2.31
CA GLN A 354 -6.80 28.18 -2.32
C GLN A 354 -7.21 28.42 -0.85
C GLN A 354 -7.25 28.46 -0.88
N LEU A 355 -6.51 29.32 -0.18
CA LEU A 355 -6.80 29.60 1.23
C LEU A 355 -7.97 30.57 1.32
N PRO A 356 -8.66 30.60 2.47
CA PRO A 356 -9.73 31.61 2.58
C PRO A 356 -9.21 33.05 2.48
N PRO A 357 -10.07 33.99 2.05
CA PRO A 357 -9.82 35.42 2.23
C PRO A 357 -9.42 35.66 3.68
N GLY A 358 -8.32 36.36 3.91
CA GLY A 358 -7.90 36.65 5.27
C GLY A 358 -6.85 35.70 5.79
N VAL A 359 -6.80 34.49 5.24
CA VAL A 359 -5.72 33.55 5.54
C VAL A 359 -4.66 33.71 4.46
N GLU A 360 -3.60 34.46 4.78
CA GLU A 360 -2.56 34.74 3.80
C GLU A 360 -1.58 33.58 3.67
N MET A 361 -1.32 32.89 4.78
CA MET A 361 -0.21 31.94 4.85
C MET A 361 -0.50 30.80 5.82
N VAL A 362 -0.04 29.60 5.48
CA VAL A 362 -0.12 28.47 6.39
C VAL A 362 1.29 28.02 6.77
N MET A 363 1.52 27.78 8.06
CA MET A 363 2.85 27.45 8.58
C MET A 363 2.94 25.96 8.98
N PRO A 364 4.16 25.40 8.97
CA PRO A 364 4.35 24.04 9.47
C PRO A 364 3.87 23.91 10.91
N GLY A 365 3.07 22.89 11.22
CA GLY A 365 2.52 22.76 12.55
C GLY A 365 1.05 23.17 12.62
N ASP A 366 0.62 23.94 11.62
CA ASP A 366 -0.76 24.41 11.56
C ASP A 366 -1.76 23.29 11.28
N ASN A 367 -2.86 23.30 12.01
CA ASN A 367 -4.05 22.57 11.59
C ASN A 367 -4.95 23.58 10.92
N VAL A 368 -5.21 23.39 9.63
CA VAL A 368 -5.91 24.40 8.86
C VAL A 368 -6.99 23.77 7.97
N THR A 369 -7.89 24.60 7.48
CA THR A 369 -8.88 24.17 6.50
C THR A 369 -8.71 25.01 5.25
N PHE A 370 -8.70 24.38 4.08
CA PHE A 370 -8.70 25.14 2.83
C PHE A 370 -9.34 24.38 1.69
N THR A 371 -9.37 24.98 0.51
N THR A 371 -9.29 24.98 0.51
CA THR A 371 -9.93 24.30 -0.65
CA THR A 371 -9.89 24.44 -0.70
C THR A 371 -8.83 23.94 -1.64
C THR A 371 -8.82 23.99 -1.70
N VAL A 372 -9.05 22.84 -2.35
CA VAL A 372 -8.09 22.32 -3.28
C VAL A 372 -8.80 22.15 -4.60
N GLU A 373 -8.17 22.58 -5.68
CA GLU A 373 -8.70 22.27 -6.99
C GLU A 373 -7.71 21.39 -7.71
N LEU A 374 -8.13 20.16 -8.02
CA LEU A 374 -7.25 19.21 -8.69
C LEU A 374 -7.22 19.52 -10.17
N ILE A 375 -6.10 19.24 -10.83
CA ILE A 375 -5.98 19.54 -12.25
C ILE A 375 -6.65 18.47 -13.13
N LYS A 376 -6.96 17.31 -12.55
CA LYS A 376 -7.73 16.25 -13.23
C LYS A 376 -8.79 15.71 -12.28
N PRO A 377 -9.91 15.23 -12.83
CA PRO A 377 -10.96 14.68 -11.96
C PRO A 377 -10.47 13.35 -11.37
N VAL A 378 -10.93 13.07 -10.16
N VAL A 378 -10.84 13.08 -10.13
CA VAL A 378 -10.49 11.89 -9.40
CA VAL A 378 -10.51 11.79 -9.53
C VAL A 378 -11.66 11.35 -8.58
C VAL A 378 -11.68 11.32 -8.67
N ALA A 379 -11.76 10.03 -8.45
CA ALA A 379 -12.77 9.46 -7.56
C ALA A 379 -12.46 9.93 -6.14
N LEU A 380 -13.38 10.68 -5.56
CA LEU A 380 -13.20 11.27 -4.23
C LEU A 380 -14.45 11.06 -3.41
N GLU A 381 -14.31 11.08 -2.09
CA GLU A 381 -15.49 11.18 -1.23
C GLU A 381 -15.20 11.84 0.12
N GLU A 382 -16.25 12.33 0.76
N GLU A 382 -16.24 12.36 0.76
CA GLU A 382 -16.15 12.96 2.07
CA GLU A 382 -16.10 12.99 2.06
C GLU A 382 -15.58 11.98 3.10
C GLU A 382 -15.57 11.99 3.10
N GLY A 383 -14.66 12.45 3.95
CA GLY A 383 -14.04 11.59 4.94
C GLY A 383 -12.81 10.84 4.45
N LEU A 384 -12.52 10.92 3.15
CA LEU A 384 -11.34 10.26 2.60
C LEU A 384 -10.04 10.97 3.03
N ARG A 385 -9.12 10.22 3.62
CA ARG A 385 -7.84 10.80 4.04
C ARG A 385 -6.91 10.91 2.84
N PHE A 386 -5.95 11.82 2.93
CA PHE A 386 -4.98 11.96 1.85
C PHE A 386 -3.65 12.49 2.38
N ALA A 387 -2.62 12.39 1.56
CA ALA A 387 -1.32 12.96 1.89
C ALA A 387 -1.02 14.04 0.88
N ILE A 388 -0.20 15.00 1.31
CA ILE A 388 0.22 16.08 0.43
C ILE A 388 1.73 15.99 0.39
N ARG A 389 2.29 16.01 -0.81
CA ARG A 389 3.74 15.98 -0.96
C ARG A 389 4.16 17.02 -1.98
N GLU A 390 5.40 17.47 -1.87
CA GLU A 390 5.91 18.47 -2.80
C GLU A 390 7.43 18.45 -2.73
N GLY A 391 8.10 18.53 -3.88
CA GLY A 391 9.54 18.51 -3.94
C GLY A 391 10.20 17.28 -3.30
N GLY A 392 9.56 16.13 -3.43
CA GLY A 392 10.13 14.89 -2.92
C GLY A 392 10.03 14.73 -1.42
N ARG A 393 9.12 15.49 -0.80
N ARG A 393 9.16 15.51 -0.78
CA ARG A 393 8.95 15.49 0.65
CA ARG A 393 8.94 15.30 0.64
C ARG A 393 7.46 15.46 1.03
C ARG A 393 7.48 15.42 1.04
N THR A 394 7.11 14.73 2.10
CA THR A 394 5.75 14.78 2.60
C THR A 394 5.62 16.08 3.36
N VAL A 395 4.57 16.86 3.07
CA VAL A 395 4.43 18.16 3.69
C VAL A 395 3.13 18.27 4.49
N GLY A 396 2.16 17.40 4.20
CA GLY A 396 0.88 17.49 4.87
C GLY A 396 0.06 16.22 4.90
N ALA A 397 -0.92 16.20 5.81
CA ALA A 397 -1.86 15.09 5.93
C ALA A 397 -3.24 15.70 6.08
N GLY A 398 -4.18 15.26 5.24
CA GLY A 398 -5.50 15.85 5.28
C GLY A 398 -6.63 14.85 5.16
N VAL A 399 -7.84 15.35 5.32
CA VAL A 399 -9.03 14.55 5.07
C VAL A 399 -10.03 15.44 4.33
N VAL A 400 -10.68 14.89 3.32
CA VAL A 400 -11.70 15.63 2.57
C VAL A 400 -12.93 15.87 3.47
N THR A 401 -13.34 17.12 3.63
CA THR A 401 -14.45 17.45 4.52
C THR A 401 -15.73 17.69 3.75
N LYS A 402 -15.59 18.24 2.54
CA LYS A 402 -16.75 18.58 1.73
C LYS A 402 -16.39 18.61 0.25
N ILE A 403 -17.20 17.95 -0.57
CA ILE A 403 -17.00 17.95 -2.02
C ILE A 403 -17.71 19.14 -2.63
N LEU A 404 -16.96 20.01 -3.31
CA LEU A 404 -17.53 21.24 -3.87
C LEU A 404 -17.96 21.02 -5.31
N GLU A 405 -17.09 20.37 -6.08
N GLU A 405 -17.09 20.34 -6.07
CA GLU A 405 -17.40 20.02 -7.47
CA GLU A 405 -17.38 20.02 -7.47
C GLU A 405 -16.72 18.72 -7.85
C GLU A 405 -16.72 18.68 -7.80
#